data_9GPX
#
_entry.id   9GPX
#
_cell.length_a   49.193
_cell.length_b   49.193
_cell.length_c   196.443
_cell.angle_alpha   90
_cell.angle_beta   90
_cell.angle_gamma   120
#
_symmetry.space_group_name_H-M   'P 32 2 1'
#
loop_
_entity.id
_entity.type
_entity.pdbx_description
1 polymer 'Peptidyl-prolyl cis-trans isomerase FKBP5'
2 non-polymer 3-cyclohexyl-17-hydroxy-16,17-dimethoxy-12-methyl-15,18-dioxa-5-aza-1lambda5,17lambda5-diphosphapentacyclo[17.3.1.01,10.05,10.011,19]tricosa-10,19(23)-diene-4,11-quinone
3 water water
#
_entity_poly.entity_id   1
_entity_poly.type   'polypeptide(L)'
_entity_poly.pdbx_seq_one_letter_code
;GAPATVTEQGEDITSKKDRGVLKIVKRVGNGEETPMIGDKVYVHYKGKLSNGKKFDSSHDRNEPFVFSLGKGQVIKAWDI
GVATMKKGEIAHLLIKPEYAYGSAGSLPKIPSNATLFFEIELLDFKGE
;
_entity_poly.pdbx_strand_id   B,A
#
loop_
_chem_comp.id
_chem_comp.type
_chem_comp.name
_chem_comp.formula
A1INX non-polymer 3-cyclohexyl-17-hydroxy-16,17-dimethoxy-12-methyl-15,18-dioxa-5-aza-1lambda5,17lambda5-diphosphapentacyclo[17.3.1.01,10.05,10.011,19]tricosa-10,19(23)-diene-4,11-quinone 'C32 H46 N4 O6'
#
# COMPACT_ATOMS: atom_id res chain seq x y z
N GLY A 1 -22.05 7.35 -12.71
CA GLY A 1 -21.26 8.58 -12.90
C GLY A 1 -19.90 8.24 -13.48
N ALA A 2 -18.90 9.08 -13.18
CA ALA A 2 -17.71 9.05 -14.00
C ALA A 2 -17.02 7.71 -13.83
N PRO A 3 -16.87 7.13 -12.64
CA PRO A 3 -16.25 5.80 -12.56
C PRO A 3 -16.90 4.72 -13.43
N ALA A 4 -18.25 4.66 -13.42
CA ALA A 4 -18.97 3.67 -14.18
C ALA A 4 -18.67 3.88 -15.67
N THR A 5 -18.62 5.17 -16.09
CA THR A 5 -18.37 5.50 -17.49
C THR A 5 -17.03 4.94 -17.88
N VAL A 6 -16.03 5.05 -16.97
CA VAL A 6 -14.70 4.54 -17.31
C VAL A 6 -14.73 3.01 -17.40
N THR A 7 -15.44 2.33 -16.47
CA THR A 7 -15.64 0.89 -16.53
C THR A 7 -16.23 0.54 -17.88
N GLU A 8 -17.19 1.36 -18.36
CA GLU A 8 -17.94 0.95 -19.57
C GLU A 8 -17.15 1.24 -20.85
N GLN A 9 -16.43 2.37 -20.88
CA GLN A 9 -15.95 2.92 -22.15
C GLN A 9 -14.44 3.16 -22.17
N GLY A 10 -13.76 2.98 -21.01
CA GLY A 10 -12.37 3.40 -21.00
C GLY A 10 -11.49 2.34 -21.66
N GLU A 11 -10.35 2.84 -22.17
CA GLU A 11 -9.37 1.97 -22.79
C GLU A 11 -8.51 1.32 -21.71
N ASP A 12 -8.09 0.08 -21.92
CA ASP A 12 -7.20 -0.59 -20.99
C ASP A 12 -5.77 -0.27 -21.41
N ILE A 13 -5.02 0.48 -20.61
CA ILE A 13 -3.67 0.91 -21.00
C ILE A 13 -2.64 0.07 -20.24
N THR A 14 -3.05 -1.07 -19.66
CA THR A 14 -2.09 -2.03 -19.06
C THR A 14 -1.38 -2.83 -20.16
N SER A 15 -0.13 -3.27 -19.86
CA SER A 15 0.62 -4.12 -20.77
C SER A 15 0.03 -5.51 -20.80
N LYS A 16 -0.42 -5.93 -19.63
CA LYS A 16 -0.98 -7.26 -19.45
C LYS A 16 -2.40 -7.35 -20.00
N LYS A 17 -3.04 -6.22 -20.30
CA LYS A 17 -4.47 -6.25 -20.66
C LYS A 17 -5.35 -7.02 -19.64
N ASP A 18 -5.21 -6.61 -18.37
CA ASP A 18 -6.00 -7.12 -17.25
C ASP A 18 -7.02 -6.08 -16.76
N ARG A 19 -7.21 -5.02 -17.54
CA ARG A 19 -8.13 -3.93 -17.20
C ARG A 19 -7.83 -3.28 -15.84
N GLY A 20 -6.57 -3.33 -15.42
CA GLY A 20 -6.17 -2.78 -14.13
C GLY A 20 -6.10 -1.25 -14.12
N VAL A 21 -5.93 -0.62 -15.29
CA VAL A 21 -5.93 0.81 -15.46
C VAL A 21 -6.72 1.12 -16.73
N LEU A 22 -7.85 1.81 -16.53
CA LEU A 22 -8.79 2.14 -17.55
C LEU A 22 -8.78 3.65 -17.67
N LYS A 23 -8.76 4.16 -18.95
CA LYS A 23 -8.57 5.57 -19.21
C LYS A 23 -9.57 6.14 -20.20
N ILE A 24 -10.05 7.33 -19.87
CA ILE A 24 -10.78 8.17 -20.86
C ILE A 24 -10.13 9.53 -20.91
N VAL A 25 -9.88 9.99 -22.14
CA VAL A 25 -9.50 11.37 -22.37
C VAL A 25 -10.77 12.22 -22.33
N LYS A 26 -10.77 13.16 -21.38
CA LYS A 26 -11.91 14.08 -21.22
C LYS A 26 -11.68 15.39 -21.90
N ARG A 27 -10.43 15.89 -21.83
CA ARG A 27 -10.13 17.08 -22.62
C ARG A 27 -8.79 16.84 -23.31
N VAL A 28 -8.74 17.03 -24.64
CA VAL A 28 -7.53 16.76 -25.40
C VAL A 28 -6.51 17.87 -25.12
N GLY A 29 -5.21 17.48 -24.93
CA GLY A 29 -4.03 18.34 -24.85
C GLY A 29 -3.36 18.71 -26.21
N ASN A 30 -2.26 19.53 -26.20
CA ASN A 30 -1.43 19.85 -27.38
C ASN A 30 -0.10 19.09 -27.31
N GLY A 31 0.60 18.87 -28.43
CA GLY A 31 2.04 18.63 -28.35
C GLY A 31 2.58 17.52 -29.25
N GLU A 32 2.32 16.26 -28.90
CA GLU A 32 2.95 15.10 -29.56
C GLU A 32 4.01 14.49 -28.66
N GLU A 33 4.53 15.24 -27.65
CA GLU A 33 5.28 14.60 -26.58
C GLU A 33 4.31 14.20 -25.46
N THR A 34 4.45 12.97 -24.99
CA THR A 34 4.05 12.55 -23.67
C THR A 34 5.29 12.55 -22.76
N PRO A 35 5.19 12.56 -21.42
CA PRO A 35 6.37 12.57 -20.59
C PRO A 35 7.09 11.22 -20.63
N MET A 36 8.40 11.22 -20.44
CA MET A 36 8.99 9.91 -20.28
C MET A 36 9.62 9.77 -18.91
N ILE A 37 10.00 8.54 -18.63
CA ILE A 37 10.48 8.15 -17.33
C ILE A 37 11.63 9.06 -16.91
N GLY A 38 11.59 9.56 -15.67
CA GLY A 38 12.57 10.50 -15.16
C GLY A 38 12.08 11.96 -15.14
N ASP A 39 11.08 12.29 -15.97
CA ASP A 39 10.64 13.68 -16.10
C ASP A 39 10.00 14.17 -14.80
N LYS A 40 10.14 15.47 -14.59
CA LYS A 40 9.44 16.11 -13.49
C LYS A 40 8.07 16.52 -14.01
N VAL A 41 7.00 16.10 -13.32
CA VAL A 41 5.65 16.28 -13.84
C VAL A 41 4.79 17.10 -12.85
N TYR A 42 4.00 18.01 -13.45
CA TYR A 42 3.15 18.92 -12.69
C TYR A 42 1.70 18.59 -13.04
N VAL A 43 0.86 18.29 -12.02
CA VAL A 43 -0.56 18.07 -12.32
C VAL A 43 -1.46 18.81 -11.35
N HIS A 44 -2.77 18.89 -11.70
CA HIS A 44 -3.83 19.07 -10.70
C HIS A 44 -4.60 17.77 -10.76
N TYR A 45 -5.14 17.32 -9.60
CA TYR A 45 -5.91 16.09 -9.63
C TYR A 45 -7.03 16.22 -8.62
N LYS A 46 -8.00 15.33 -8.82
CA LYS A 46 -9.09 15.00 -7.93
C LYS A 46 -9.09 13.49 -7.85
N GLY A 47 -8.96 12.89 -6.64
CA GLY A 47 -8.95 11.44 -6.57
C GLY A 47 -9.88 10.98 -5.46
N LYS A 48 -10.39 9.74 -5.57
CA LYS A 48 -11.36 9.28 -4.57
C LYS A 48 -11.41 7.77 -4.63
N LEU A 49 -11.77 7.11 -3.52
CA LEU A 49 -12.18 5.71 -3.58
C LEU A 49 -13.33 5.61 -4.57
N SER A 50 -13.34 4.55 -5.41
CA SER A 50 -14.34 4.59 -6.46
C SER A 50 -15.75 4.55 -5.85
N ASN A 51 -15.94 3.77 -4.80
CA ASN A 51 -17.19 3.68 -4.06
C ASN A 51 -17.35 4.75 -2.98
N GLY A 52 -16.58 5.84 -3.04
CA GLY A 52 -16.54 6.82 -1.98
C GLY A 52 -17.10 8.14 -2.52
N LYS A 53 -17.15 9.19 -1.71
CA LYS A 53 -17.79 10.46 -2.11
C LYS A 53 -16.75 11.58 -2.13
N LYS A 54 -15.94 11.74 -1.06
CA LYS A 54 -15.02 12.86 -0.93
C LYS A 54 -13.69 12.58 -1.65
N PHE A 55 -13.19 13.65 -2.27
CA PHE A 55 -11.94 13.59 -3.00
C PHE A 55 -10.80 14.00 -2.09
N ASP A 56 -9.62 13.47 -2.38
CA ASP A 56 -8.38 14.17 -2.15
C ASP A 56 -8.16 15.01 -3.39
N SER A 57 -7.96 16.32 -3.22
CA SER A 57 -7.72 17.19 -4.38
C SER A 57 -6.56 18.17 -4.13
N SER A 58 -5.76 18.35 -5.18
CA SER A 58 -4.66 19.28 -5.17
C SER A 58 -5.15 20.73 -5.03
N HIS A 59 -6.35 20.99 -5.58
CA HIS A 59 -6.90 22.35 -5.58
C HIS A 59 -7.22 22.78 -4.17
N ASP A 60 -7.63 21.81 -3.34
CA ASP A 60 -7.98 22.12 -1.96
C ASP A 60 -6.76 22.66 -1.19
N ARG A 61 -5.54 22.34 -1.63
CA ARG A 61 -4.31 22.87 -1.07
C ARG A 61 -3.78 24.03 -1.92
N ASN A 62 -4.55 24.40 -2.96
CA ASN A 62 -4.25 25.50 -3.87
C ASN A 62 -2.82 25.41 -4.43
N GLU A 63 -2.24 24.20 -4.59
CA GLU A 63 -0.94 24.08 -5.26
C GLU A 63 -0.87 22.79 -6.07
N PRO A 64 -0.16 22.82 -7.23
CA PRO A 64 -0.05 21.63 -8.09
C PRO A 64 0.74 20.54 -7.36
N PHE A 65 0.49 19.29 -7.79
CA PHE A 65 1.14 18.10 -7.27
C PHE A 65 2.27 17.79 -8.23
N VAL A 66 3.47 17.80 -7.67
CA VAL A 66 4.67 17.55 -8.46
C VAL A 66 5.24 16.17 -8.12
N PHE A 67 5.70 15.45 -9.15
CA PHE A 67 6.41 14.16 -8.98
C PHE A 67 7.29 13.86 -10.19
N SER A 68 8.24 12.93 -10.07
CA SER A 68 9.09 12.45 -11.15
C SER A 68 8.52 11.13 -11.72
N LEU A 69 8.34 11.06 -13.03
CA LEU A 69 7.65 9.91 -13.62
C LEU A 69 8.48 8.63 -13.59
N GLY A 70 7.85 7.53 -13.18
CA GLY A 70 8.43 6.20 -13.30
C GLY A 70 9.43 5.89 -12.19
N LYS A 71 9.58 6.79 -11.19
CA LYS A 71 10.57 6.67 -10.15
C LYS A 71 9.90 6.03 -8.92
N GLY A 72 8.66 5.54 -9.09
CA GLY A 72 7.85 4.92 -8.03
C GLY A 72 7.51 5.87 -6.87
N GLN A 73 7.36 7.17 -7.12
CA GLN A 73 6.95 8.12 -6.10
C GLN A 73 5.42 8.14 -6.00
N VAL A 74 4.74 7.55 -6.97
CA VAL A 74 3.31 7.50 -7.01
C VAL A 74 2.94 6.05 -7.35
N ILE A 75 1.64 5.75 -7.25
CA ILE A 75 1.14 4.42 -7.58
C ILE A 75 1.49 4.02 -9.03
N LYS A 76 1.58 2.72 -9.30
CA LYS A 76 1.90 2.17 -10.62
C LYS A 76 0.92 2.74 -11.65
N ALA A 77 -0.38 2.86 -11.32
CA ALA A 77 -1.33 3.36 -12.32
C ALA A 77 -1.03 4.79 -12.78
N TRP A 78 -0.40 5.65 -11.96
CA TRP A 78 -0.10 7.01 -12.38
C TRP A 78 1.12 6.99 -13.27
N ASP A 79 2.10 6.12 -12.90
CA ASP A 79 3.27 5.97 -13.69
C ASP A 79 2.89 5.53 -15.09
N ILE A 80 1.96 4.59 -15.18
CA ILE A 80 1.47 4.12 -16.46
C ILE A 80 0.58 5.15 -17.18
N GLY A 81 -0.36 5.72 -16.44
CA GLY A 81 -1.35 6.61 -17.07
C GLY A 81 -0.82 7.97 -17.47
N VAL A 82 -0.08 8.65 -16.56
CA VAL A 82 0.48 9.91 -16.91
C VAL A 82 1.48 9.82 -18.08
N ALA A 83 2.20 8.68 -18.26
CA ALA A 83 3.07 8.45 -19.40
C ALA A 83 2.33 8.48 -20.74
N THR A 84 1.02 8.30 -20.74
CA THR A 84 0.21 8.39 -21.95
C THR A 84 -0.35 9.78 -22.23
N MET A 85 -0.22 10.76 -21.31
CA MET A 85 -0.94 12.04 -21.39
C MET A 85 -0.18 13.14 -22.14
N LYS A 86 -0.87 14.01 -22.90
CA LYS A 86 -0.21 15.17 -23.51
C LYS A 86 -0.37 16.37 -22.57
N LYS A 87 0.47 17.39 -22.70
CA LYS A 87 0.32 18.60 -21.89
C LYS A 87 -1.04 19.23 -22.17
N GLY A 88 -1.74 19.66 -21.09
CA GLY A 88 -3.05 20.28 -21.18
C GLY A 88 -4.18 19.24 -21.13
N GLU A 89 -3.83 17.94 -21.15
CA GLU A 89 -4.85 16.88 -21.22
C GLU A 89 -5.54 16.73 -19.89
N ILE A 90 -6.87 16.47 -19.94
CA ILE A 90 -7.56 16.01 -18.74
C ILE A 90 -8.01 14.58 -19.02
N ALA A 91 -7.63 13.67 -18.11
CA ALA A 91 -8.00 12.28 -18.27
C ALA A 91 -8.65 11.76 -16.97
N HIS A 92 -9.57 10.81 -17.17
CA HIS A 92 -10.12 10.00 -16.11
C HIS A 92 -9.44 8.64 -16.06
N LEU A 93 -9.00 8.18 -14.87
CA LEU A 93 -8.47 6.85 -14.69
C LEU A 93 -9.34 6.12 -13.68
N LEU A 94 -9.54 4.83 -13.95
CA LEU A 94 -10.09 3.93 -12.94
C LEU A 94 -9.14 2.76 -12.76
N ILE A 95 -8.79 2.49 -11.48
CA ILE A 95 -7.62 1.70 -11.13
C ILE A 95 -7.93 0.57 -10.19
N LYS A 96 -7.65 -0.68 -10.61
CA LYS A 96 -7.83 -1.85 -9.72
C LYS A 96 -6.69 -1.86 -8.71
N PRO A 97 -6.87 -2.56 -7.55
CA PRO A 97 -5.95 -2.43 -6.41
C PRO A 97 -4.55 -2.89 -6.77
N GLU A 98 -4.42 -3.81 -7.72
CA GLU A 98 -3.08 -4.24 -8.10
C GLU A 98 -2.19 -3.12 -8.70
N TYR A 99 -2.77 -2.01 -9.18
CA TYR A 99 -2.03 -0.91 -9.75
C TYR A 99 -2.12 0.28 -8.80
N ALA A 100 -2.58 0.02 -7.57
CA ALA A 100 -2.64 1.07 -6.58
C ALA A 100 -2.08 0.55 -5.24
N TYR A 101 -2.95 0.31 -4.23
CA TYR A 101 -2.40 -0.05 -2.91
C TYR A 101 -2.62 -1.52 -2.49
N GLY A 102 -3.26 -2.33 -3.33
CA GLY A 102 -3.13 -3.78 -3.21
C GLY A 102 -4.03 -4.32 -2.11
N SER A 103 -3.78 -5.56 -1.71
CA SER A 103 -4.61 -6.12 -0.63
C SER A 103 -4.15 -5.60 0.70
N ALA A 104 -2.94 -5.05 0.79
CA ALA A 104 -2.48 -4.53 2.05
C ALA A 104 -3.18 -3.22 2.33
N GLY A 105 -3.48 -2.49 1.31
CA GLY A 105 -4.02 -1.16 1.47
C GLY A 105 -2.95 -0.18 1.94
N SER A 106 -3.46 0.93 2.46
CA SER A 106 -2.68 2.03 2.99
C SER A 106 -3.54 2.86 3.94
N LEU A 107 -3.78 2.33 5.14
CA LEU A 107 -4.70 2.95 6.07
C LEU A 107 -4.00 4.14 6.74
N PRO A 108 -4.72 5.17 7.24
CA PRO A 108 -6.20 5.19 7.24
C PRO A 108 -6.83 5.58 5.90
N LYS A 109 -6.08 6.12 4.97
CA LYS A 109 -6.74 6.67 3.78
C LYS A 109 -7.28 5.60 2.84
N ILE A 110 -6.61 4.50 2.63
CA ILE A 110 -7.00 3.56 1.60
C ILE A 110 -7.18 2.18 2.21
N PRO A 111 -8.37 1.53 2.08
CA PRO A 111 -8.57 0.18 2.62
C PRO A 111 -7.95 -0.83 1.72
N SER A 112 -7.94 -2.05 2.22
CA SER A 112 -7.58 -3.20 1.45
C SER A 112 -8.44 -3.28 0.18
N ASN A 113 -7.80 -3.61 -0.92
CA ASN A 113 -8.49 -4.02 -2.15
C ASN A 113 -9.39 -2.87 -2.67
N ALA A 114 -8.91 -1.64 -2.58
CA ALA A 114 -9.60 -0.46 -3.02
C ALA A 114 -9.34 -0.19 -4.51
N THR A 115 -10.47 -0.01 -5.21
CA THR A 115 -10.42 0.59 -6.56
C THR A 115 -10.48 2.12 -6.43
N LEU A 116 -9.73 2.82 -7.27
CA LEU A 116 -9.56 4.28 -7.16
C LEU A 116 -9.93 4.94 -8.49
N PHE A 117 -10.38 6.19 -8.42
CA PHE A 117 -10.81 6.95 -9.58
C PHE A 117 -10.07 8.27 -9.46
N PHE A 118 -9.47 8.70 -10.56
CA PHE A 118 -8.93 10.06 -10.59
C PHE A 118 -9.35 10.80 -11.84
N GLU A 119 -9.42 12.13 -11.68
CA GLU A 119 -9.28 13.08 -12.76
C GLU A 119 -7.95 13.80 -12.60
N ILE A 120 -7.26 13.84 -13.72
CA ILE A 120 -5.91 14.34 -13.79
C ILE A 120 -5.82 15.34 -14.90
N GLU A 121 -5.33 16.50 -14.48
CA GLU A 121 -4.96 17.48 -15.50
C GLU A 121 -3.44 17.57 -15.54
N LEU A 122 -2.88 17.30 -16.71
CA LEU A 122 -1.44 17.47 -16.94
C LEU A 122 -1.06 18.90 -17.27
N LEU A 123 -0.40 19.62 -16.32
CA LEU A 123 -0.11 21.03 -16.47
C LEU A 123 1.18 21.21 -17.27
N ASP A 124 2.21 20.39 -16.97
CA ASP A 124 3.54 20.54 -17.57
C ASP A 124 4.42 19.35 -17.17
N PHE A 125 5.53 19.16 -17.92
CA PHE A 125 6.60 18.25 -17.57
C PHE A 125 7.93 18.72 -18.16
N LYS A 126 9.03 18.54 -17.43
CA LYS A 126 10.37 18.96 -17.87
C LYS A 126 11.28 17.75 -17.73
N GLY A 127 12.29 17.62 -18.61
CA GLY A 127 13.16 16.46 -18.62
C GLY A 127 14.08 16.47 -17.39
N GLU A 128 14.46 15.30 -16.85
CA GLU A 128 15.59 15.28 -15.95
C GLU A 128 16.67 16.17 -16.62
N GLY B 1 -3.76 -18.46 25.70
CA GLY B 1 -2.59 -18.87 24.89
C GLY B 1 -1.74 -17.68 24.48
N ALA B 2 -1.05 -17.85 23.35
CA ALA B 2 0.01 -16.89 23.05
C ALA B 2 -0.59 -15.49 22.83
N PRO B 3 -1.70 -15.32 22.12
CA PRO B 3 -2.36 -14.02 22.02
C PRO B 3 -2.66 -13.36 23.37
N ALA B 4 -3.18 -14.12 24.32
CA ALA B 4 -3.55 -13.53 25.60
C ALA B 4 -2.30 -13.09 26.34
N THR B 5 -1.23 -13.86 26.23
CA THR B 5 0.01 -13.54 26.89
C THR B 5 0.52 -12.20 26.32
N VAL B 6 0.37 -11.97 25.02
CA VAL B 6 0.77 -10.68 24.45
C VAL B 6 -0.12 -9.56 24.97
N THR B 7 -1.43 -9.73 25.04
CA THR B 7 -2.29 -8.75 25.69
C THR B 7 -1.76 -8.48 27.11
N GLU B 8 -1.35 -9.54 27.85
CA GLU B 8 -0.94 -9.42 29.24
C GLU B 8 0.48 -8.85 29.42
N GLN B 9 1.42 -9.17 28.54
CA GLN B 9 2.83 -8.92 28.79
C GLN B 9 3.47 -8.09 27.68
N GLY B 10 2.77 -7.85 26.57
CA GLY B 10 3.41 -7.31 25.36
C GLY B 10 3.82 -5.84 25.56
N GLU B 11 4.96 -5.42 24.99
CA GLU B 11 5.40 -4.04 24.91
C GLU B 11 4.60 -3.33 23.79
N ASP B 12 4.10 -2.14 24.11
CA ASP B 12 3.39 -1.32 23.14
C ASP B 12 4.37 -0.57 22.25
N ILE B 13 4.52 -0.96 20.99
CA ILE B 13 5.61 -0.41 20.16
C ILE B 13 5.05 0.63 19.17
N THR B 14 3.82 1.13 19.40
CA THR B 14 3.28 2.27 18.70
C THR B 14 3.85 3.58 19.24
N SER B 15 3.96 4.57 18.34
CA SER B 15 4.40 5.92 18.70
C SER B 15 3.33 6.60 19.53
N LYS B 16 2.06 6.36 19.16
CA LYS B 16 0.96 7.01 19.84
C LYS B 16 0.69 6.34 21.18
N LYS B 17 1.29 5.16 21.47
CA LYS B 17 1.03 4.46 22.73
C LYS B 17 -0.46 4.16 22.91
N ASP B 18 -1.07 3.57 21.89
CA ASP B 18 -2.47 3.21 21.82
C ASP B 18 -2.69 1.70 21.87
N ARG B 19 -1.61 0.96 22.22
CA ARG B 19 -1.68 -0.50 22.34
C ARG B 19 -2.07 -1.16 21.02
N GLY B 20 -1.91 -0.45 19.92
CA GLY B 20 -2.31 -0.99 18.62
C GLY B 20 -1.44 -2.13 18.07
N VAL B 21 -0.18 -2.14 18.47
CA VAL B 21 0.73 -3.20 18.09
C VAL B 21 1.47 -3.55 19.37
N LEU B 22 1.12 -4.73 19.92
CA LEU B 22 1.82 -5.31 21.02
C LEU B 22 2.78 -6.41 20.65
N LYS B 23 3.96 -6.39 21.28
CA LYS B 23 5.06 -7.29 20.96
C LYS B 23 5.72 -7.98 22.16
N ILE B 24 6.00 -9.30 21.99
CA ILE B 24 6.85 -10.05 22.88
C ILE B 24 7.95 -10.69 22.05
N VAL B 25 9.17 -10.49 22.56
CA VAL B 25 10.30 -11.21 22.02
C VAL B 25 10.25 -12.63 22.61
N LYS B 26 10.18 -13.61 21.71
CA LYS B 26 10.23 -15.01 22.05
C LYS B 26 11.64 -15.54 22.01
N ARG B 27 12.42 -15.19 21.01
CA ARG B 27 13.82 -15.60 20.95
C ARG B 27 14.65 -14.40 20.50
N VAL B 28 15.65 -14.03 21.30
CA VAL B 28 16.44 -12.85 20.96
C VAL B 28 17.21 -13.16 19.68
N GLY B 29 17.52 -12.10 18.93
CA GLY B 29 18.34 -12.19 17.76
C GLY B 29 19.78 -11.72 17.96
N ASN B 30 20.39 -11.30 16.84
CA ASN B 30 21.84 -11.18 16.72
C ASN B 30 22.20 -9.76 16.39
N GLY B 31 23.26 -9.26 17.02
CA GLY B 31 23.82 -7.98 16.65
C GLY B 31 22.95 -6.83 17.16
N GLU B 32 23.28 -5.63 16.70
CA GLU B 32 22.57 -4.41 17.06
C GLU B 32 21.58 -4.01 15.93
N GLU B 33 21.84 -4.35 14.66
CA GLU B 33 21.16 -3.74 13.52
C GLU B 33 19.74 -4.24 13.36
N THR B 34 18.79 -3.30 13.19
CA THR B 34 17.41 -3.62 12.83
C THR B 34 17.15 -3.03 11.45
N PRO B 35 16.18 -3.47 10.65
CA PRO B 35 16.11 -2.99 9.27
C PRO B 35 15.62 -1.55 9.15
N MET B 36 16.03 -0.93 8.05
CA MET B 36 15.72 0.44 7.66
C MET B 36 14.57 0.40 6.66
N ILE B 37 13.82 1.51 6.52
CA ILE B 37 12.81 1.59 5.48
C ILE B 37 13.49 1.43 4.12
N GLY B 38 12.92 0.58 3.25
CA GLY B 38 13.51 0.23 1.97
C GLY B 38 14.21 -1.13 1.98
N ASP B 39 14.67 -1.60 3.14
CA ASP B 39 15.41 -2.85 3.20
C ASP B 39 14.49 -4.00 2.75
N LYS B 40 15.15 -4.98 2.17
CA LYS B 40 14.48 -6.17 1.72
C LYS B 40 14.51 -7.15 2.88
N VAL B 41 13.33 -7.61 3.27
CA VAL B 41 13.30 -8.33 4.53
C VAL B 41 12.80 -9.75 4.21
N TYR B 42 13.45 -10.74 4.87
CA TYR B 42 13.05 -12.14 4.74
C TYR B 42 12.53 -12.63 6.07
N VAL B 43 11.32 -13.22 6.11
CA VAL B 43 10.82 -13.76 7.36
C VAL B 43 10.19 -15.14 7.18
N HIS B 44 9.97 -15.86 8.29
CA HIS B 44 8.95 -16.89 8.38
C HIS B 44 7.90 -16.36 9.31
N TYR B 45 6.63 -16.73 9.10
CA TYR B 45 5.55 -16.28 9.93
C TYR B 45 4.42 -17.31 9.92
N LYS B 46 3.62 -17.20 10.98
CA LYS B 46 2.30 -17.79 11.07
C LYS B 46 1.35 -16.69 11.53
N GLY B 47 0.19 -16.57 10.91
CA GLY B 47 -0.76 -15.54 11.24
C GLY B 47 -2.15 -16.13 11.35
N LYS B 48 -2.96 -15.52 12.20
CA LYS B 48 -4.33 -15.93 12.37
C LYS B 48 -5.20 -14.76 12.83
N LEU B 49 -6.51 -14.88 12.64
CA LEU B 49 -7.45 -13.97 13.29
C LEU B 49 -7.39 -14.31 14.78
N SER B 50 -7.47 -13.30 15.63
CA SER B 50 -7.46 -13.59 17.07
C SER B 50 -8.53 -14.64 17.41
N ASN B 51 -9.71 -14.57 16.79
CA ASN B 51 -10.77 -15.60 16.76
C ASN B 51 -10.40 -16.95 16.15
N GLY B 52 -9.15 -17.17 15.73
CA GLY B 52 -8.65 -18.45 15.22
C GLY B 52 -9.41 -19.04 14.03
N LYS B 53 -10.10 -18.21 13.22
CA LYS B 53 -10.98 -18.70 12.16
C LYS B 53 -10.26 -18.88 10.78
N LYS B 54 -9.16 -18.16 10.56
CA LYS B 54 -8.34 -18.23 9.36
C LYS B 54 -6.88 -18.26 9.82
N PHE B 55 -6.04 -19.11 9.21
CA PHE B 55 -4.65 -19.33 9.58
C PHE B 55 -3.83 -19.25 8.29
N ASP B 56 -2.63 -18.70 8.34
CA ASP B 56 -1.78 -18.53 7.20
C ASP B 56 -0.34 -18.70 7.67
N SER B 57 0.45 -19.54 7.01
CA SER B 57 1.88 -19.60 7.33
C SER B 57 2.80 -19.82 6.11
N SER B 58 3.94 -19.11 6.16
CA SER B 58 4.99 -19.26 5.19
C SER B 58 5.56 -20.67 5.21
N HIS B 59 5.52 -21.32 6.37
CA HIS B 59 6.11 -22.63 6.55
C HIS B 59 5.34 -23.64 5.74
N ASP B 60 4.03 -23.42 5.60
CA ASP B 60 3.19 -24.28 4.77
C ASP B 60 3.65 -24.28 3.32
N ARG B 61 4.27 -23.21 2.85
CA ARG B 61 4.84 -23.10 1.52
C ARG B 61 6.33 -23.44 1.54
N ASN B 62 6.85 -23.74 2.75
CA ASN B 62 8.25 -24.06 3.05
C ASN B 62 9.23 -23.08 2.36
N GLU B 63 8.85 -21.79 2.29
CA GLU B 63 9.71 -20.76 1.71
C GLU B 63 9.50 -19.44 2.44
N PRO B 64 10.55 -18.60 2.61
CA PRO B 64 10.36 -17.34 3.34
C PRO B 64 9.45 -16.39 2.57
N PHE B 65 8.84 -15.45 3.29
CA PHE B 65 8.01 -14.38 2.81
C PHE B 65 8.94 -13.16 2.76
N VAL B 66 8.94 -12.53 1.60
CA VAL B 66 9.88 -11.45 1.34
C VAL B 66 9.08 -10.18 1.11
N PHE B 67 9.55 -9.07 1.70
CA PHE B 67 8.87 -7.79 1.45
C PHE B 67 9.86 -6.65 1.70
N SER B 68 9.52 -5.47 1.15
CA SER B 68 10.33 -4.27 1.32
C SER B 68 9.74 -3.43 2.45
N LEU B 69 10.57 -3.16 3.46
CA LEU B 69 10.08 -2.56 4.69
C LEU B 69 9.69 -1.09 4.46
N GLY B 70 8.51 -0.77 4.94
CA GLY B 70 8.08 0.61 5.02
C GLY B 70 7.41 1.11 3.76
N LYS B 71 7.19 0.23 2.77
CA LYS B 71 6.45 0.58 1.57
C LYS B 71 4.93 0.31 1.73
N GLY B 72 4.39 -0.01 2.90
CA GLY B 72 2.97 -0.36 2.89
C GLY B 72 2.60 -1.52 1.94
N GLN B 73 3.55 -2.45 1.65
CA GLN B 73 3.33 -3.70 0.95
C GLN B 73 2.71 -4.71 1.94
N VAL B 74 2.70 -4.38 3.23
CA VAL B 74 2.10 -5.21 4.27
C VAL B 74 1.31 -4.25 5.12
N ILE B 75 0.54 -4.80 6.05
CA ILE B 75 -0.19 -3.96 6.98
C ILE B 75 0.77 -3.09 7.81
N LYS B 76 0.28 -1.95 8.35
CA LYS B 76 1.08 -0.95 9.07
C LYS B 76 1.76 -1.64 10.26
N ALA B 77 1.08 -2.61 10.91
CA ALA B 77 1.66 -3.32 12.07
C ALA B 77 2.96 -4.03 11.74
N TRP B 78 3.11 -4.55 10.49
CA TRP B 78 4.31 -5.22 10.14
C TRP B 78 5.42 -4.26 9.84
N ASP B 79 5.07 -3.16 9.15
CA ASP B 79 6.05 -2.11 8.93
C ASP B 79 6.64 -1.63 10.27
N ILE B 80 5.80 -1.51 11.28
CA ILE B 80 6.19 -1.02 12.61
C ILE B 80 6.98 -2.11 13.36
N GLY B 81 6.45 -3.31 13.33
CA GLY B 81 6.94 -4.37 14.18
C GLY B 81 8.21 -5.01 13.72
N VAL B 82 8.25 -5.38 12.44
CA VAL B 82 9.47 -5.93 11.89
C VAL B 82 10.65 -4.94 11.95
N ALA B 83 10.42 -3.64 11.84
CA ALA B 83 11.45 -2.61 12.04
C ALA B 83 12.13 -2.68 13.43
N THR B 84 11.46 -3.20 14.45
CA THR B 84 12.05 -3.34 15.80
C THR B 84 12.86 -4.62 15.96
N MET B 85 12.92 -5.51 14.96
CA MET B 85 13.43 -6.85 15.17
C MET B 85 14.89 -7.00 14.68
N LYS B 86 15.66 -7.83 15.39
CA LYS B 86 17.05 -8.12 15.05
C LYS B 86 17.09 -9.39 14.21
N LYS B 87 18.16 -9.61 13.47
CA LYS B 87 18.30 -10.84 12.69
C LYS B 87 18.34 -12.04 13.62
N GLY B 88 17.61 -13.10 13.26
CA GLY B 88 17.44 -14.28 14.09
C GLY B 88 16.36 -14.15 15.16
N GLU B 89 15.75 -12.96 15.31
CA GLU B 89 14.79 -12.73 16.39
C GLU B 89 13.46 -13.45 16.07
N ILE B 90 12.78 -14.03 17.08
CA ILE B 90 11.39 -14.44 16.88
C ILE B 90 10.55 -13.64 17.85
N ALA B 91 9.46 -13.09 17.34
CA ALA B 91 8.54 -12.23 18.08
C ALA B 91 7.06 -12.58 17.82
N HIS B 92 6.26 -12.32 18.84
CA HIS B 92 4.83 -12.41 18.75
C HIS B 92 4.24 -11.00 18.68
N LEU B 93 3.33 -10.78 17.73
CA LEU B 93 2.63 -9.52 17.58
C LEU B 93 1.13 -9.78 17.74
N LEU B 94 0.49 -8.86 18.47
CA LEU B 94 -0.94 -8.78 18.57
C LEU B 94 -1.37 -7.39 18.10
N ILE B 95 -2.32 -7.34 17.17
CA ILE B 95 -2.60 -6.17 16.34
C ILE B 95 -4.06 -5.79 16.32
N LYS B 96 -4.36 -4.58 16.83
CA LYS B 96 -5.66 -3.98 16.72
C LYS B 96 -5.99 -3.56 15.28
N PRO B 97 -7.29 -3.48 14.93
CA PRO B 97 -7.73 -3.36 13.55
C PRO B 97 -7.17 -2.12 12.86
N GLU B 98 -6.95 -1.06 13.63
CA GLU B 98 -6.44 0.17 13.08
C GLU B 98 -5.05 0.03 12.47
N TYR B 99 -4.28 -1.00 12.86
CA TYR B 99 -2.95 -1.21 12.33
C TYR B 99 -2.94 -2.42 11.36
N ALA B 100 -4.11 -2.90 11.04
CA ALA B 100 -4.22 -4.09 10.19
C ALA B 100 -5.18 -3.77 9.04
N TYR B 101 -6.41 -4.29 9.05
CA TYR B 101 -7.32 -4.05 7.97
C TYR B 101 -8.51 -3.15 8.32
N GLY B 102 -8.59 -2.60 9.54
CA GLY B 102 -9.49 -1.48 9.76
C GLY B 102 -10.93 -1.83 9.98
N SER B 103 -11.75 -0.79 9.86
CA SER B 103 -13.19 -0.98 9.89
C SER B 103 -13.67 -1.64 8.61
N ALA B 104 -12.95 -1.44 7.50
CA ALA B 104 -13.45 -1.97 6.26
C ALA B 104 -13.19 -3.48 6.20
N GLY B 105 -12.08 -3.88 6.80
CA GLY B 105 -11.64 -5.25 6.69
C GLY B 105 -11.12 -5.54 5.27
N SER B 106 -11.12 -6.81 4.89
CA SER B 106 -10.63 -7.29 3.62
C SER B 106 -11.44 -8.51 3.27
N LEU B 107 -12.70 -8.28 3.01
CA LEU B 107 -13.68 -9.36 2.87
C LEU B 107 -13.52 -10.09 1.56
N PRO B 108 -13.85 -11.39 1.50
CA PRO B 108 -14.44 -12.12 2.62
C PRO B 108 -13.42 -12.70 3.59
N LYS B 109 -12.13 -12.57 3.29
CA LYS B 109 -11.11 -13.26 4.05
C LYS B 109 -10.93 -12.64 5.45
N ILE B 110 -11.01 -11.31 5.58
CA ILE B 110 -10.75 -10.71 6.90
C ILE B 110 -11.93 -9.85 7.25
N PRO B 111 -12.63 -10.08 8.39
CA PRO B 111 -13.81 -9.31 8.75
C PRO B 111 -13.34 -7.91 9.15
N SER B 112 -14.35 -7.08 9.22
CA SER B 112 -14.36 -5.75 9.79
C SER B 112 -13.84 -5.85 11.22
N ASN B 113 -13.01 -4.89 11.59
CA ASN B 113 -12.65 -4.69 12.98
C ASN B 113 -11.96 -5.95 13.57
N ALA B 114 -11.09 -6.57 12.76
CA ALA B 114 -10.39 -7.81 13.07
C ALA B 114 -9.07 -7.51 13.80
N THR B 115 -8.87 -8.23 14.92
CA THR B 115 -7.59 -8.31 15.62
C THR B 115 -6.79 -9.48 15.06
N LEU B 116 -5.52 -9.27 14.76
CA LEU B 116 -4.66 -10.28 14.20
C LEU B 116 -3.55 -10.65 15.17
N PHE B 117 -3.11 -11.93 15.07
CA PHE B 117 -1.93 -12.35 15.75
C PHE B 117 -0.90 -12.88 14.74
N PHE B 118 0.38 -12.61 15.00
CA PHE B 118 1.45 -13.22 14.25
C PHE B 118 2.61 -13.70 15.11
N GLU B 119 3.21 -14.81 14.65
CA GLU B 119 4.55 -15.16 15.06
C GLU B 119 5.46 -14.97 13.85
N ILE B 120 6.56 -14.27 14.09
CA ILE B 120 7.46 -13.76 13.05
C ILE B 120 8.86 -14.11 13.48
N GLU B 121 9.52 -14.83 12.58
CA GLU B 121 10.95 -14.99 12.64
C GLU B 121 11.63 -14.12 11.60
N LEU B 122 12.57 -13.26 12.05
CA LEU B 122 13.34 -12.45 11.11
C LEU B 122 14.58 -13.23 10.67
N LEU B 123 14.59 -13.65 9.40
CA LEU B 123 15.66 -14.51 8.89
C LEU B 123 16.86 -13.65 8.48
N ASP B 124 16.55 -12.51 7.83
CA ASP B 124 17.57 -11.68 7.21
C ASP B 124 16.94 -10.38 6.71
N PHE B 125 17.81 -9.38 6.45
CA PHE B 125 17.43 -8.17 5.74
C PHE B 125 18.66 -7.59 5.06
N LYS B 126 18.47 -7.03 3.87
CA LYS B 126 19.58 -6.51 3.09
C LYS B 126 19.13 -5.18 2.48
N GLY B 127 20.09 -4.29 2.18
CA GLY B 127 19.85 -3.02 1.51
C GLY B 127 19.23 -3.20 0.13
N GLU B 128 18.40 -2.23 -0.27
CA GLU B 128 17.93 -2.06 -1.64
C GLU B 128 19.10 -1.83 -2.62
C4 A1INX C . -3.24 9.94 -1.51
C14 A1INX C . 1.26 12.40 -2.14
C5 A1INX C . -2.94 11.22 -1.04
C6 A1INX C . -2.16 11.42 0.09
C11 A1INX C . -0.64 15.23 -0.98
C7 A1INX C . -1.64 10.34 0.78
C8 A1INX C . 0.49 10.82 1.60
C9 A1INX C . -2.37 13.81 0.00
C10 A1INX C . -1.46 14.97 0.27
C12 A1INX C . 0.13 16.56 -0.94
C13 A1INX C . 0.14 13.18 -2.23
N1 A1INX C . 0.29 14.14 -1.29
N2 A1INX C . 2.11 12.98 -1.25
C3 A1INX C . -2.68 8.86 -0.84
N3 A1INX C . 1.49 14.01 -0.68
C1 A1INX C . -1.67 6.73 0.69
O1 A1INX C . -1.29 8.05 1.01
C2 A1INX C . -1.88 9.06 0.29
O2 A1INX C . -0.86 10.53 1.91
O3 A1INX C . -1.80 12.64 0.60
C15 A1INX C . 1.61 11.17 -2.91
C16 A1INX C . 1.31 9.91 -2.10
C17 A1INX C . 2.48 9.57 -1.17
C18 A1INX C . 0.94 8.77 -3.00
O4 A1INX C . -0.30 9.03 -3.75
C19 A1INX C . -0.45 8.41 -4.92
O5 A1INX C . 0.36 7.66 -5.39
C20 A1INX C . -1.76 8.76 -5.59
C21 A1INX C . -1.46 9.49 -6.89
C22 A1INX C . -0.90 10.92 -6.68
C23 A1INX C . -1.89 11.73 -5.83
C24 A1INX C . -2.16 11.04 -4.47
N4 A1INX C . -2.55 9.59 -4.63
C25 A1INX C . -3.35 8.92 -3.79
O6 A1INX C . -3.40 7.66 -3.83
C26 A1INX C . -4.12 9.76 -2.75
C27 A1INX C . -5.48 9.06 -2.45
C28 A1INX C . -6.42 9.07 -3.65
C29 A1INX C . -7.80 8.49 -3.37
C30 A1INX C . -8.47 9.10 -2.18
C31 A1INX C . -7.58 9.06 -0.97
C32 A1INX C . -6.19 9.71 -1.23
H5 A1INX C . -3.31 11.96 -1.50
H13 A1INX C . -1.27 15.28 -1.73
H7 A1INX C . 0.99 10.94 2.43
H8 A1INX C . 0.54 11.65 1.09
H6 A1INX C . 0.87 10.09 1.09
H9 A1INX C . -3.26 13.98 0.38
H10 A1INX C . -2.48 13.68 -0.98
H12 A1INX C . -1.99 15.77 0.47
H11 A1INX C . -0.88 14.77 1.02
H15 A1INX C . 0.73 16.58 -0.18
H16 A1INX C . -0.50 17.30 -0.88
H14 A1INX C . 0.65 16.66 -1.76
H17 A1INX C . -0.62 13.02 -2.76
H4 A1INX C . -2.87 7.99 -1.14
H2 A1INX C . -1.27 6.12 1.32
H3 A1INX C . -1.39 6.52 -0.21
H1 A1INX C . -2.64 6.65 0.76
H18 A1INX C . 2.56 11.18 -3.14
H19 A1INX C . 1.08 11.15 -3.74
H20 A1INX C . 0.52 10.09 -1.52
H23 A1INX C . 3.28 9.40 -1.70
H21 A1INX C . 2.27 8.77 -0.65
H22 A1INX C . 2.65 10.31 -0.56
H25 A1INX C . 1.67 8.60 -3.63
H24 A1INX C . 0.82 7.95 -2.47
H26 A1INX C . -2.26 7.92 -5.79
H28 A1INX C . -0.80 8.97 -7.42
H27 A1INX C . -2.28 9.54 -7.43
H29 A1INX C . -0.75 11.36 -7.55
H30 A1INX C . -0.03 10.87 -6.21
H31 A1INX C . -2.75 11.81 -6.33
H32 A1INX C . -1.54 12.63 -5.68
H33 A1INX C . -2.88 11.52 -4.02
H34 A1INX C . -1.36 11.11 -3.91
H35 A1INX C . -4.30 10.65 -3.14
H36 A1INX C . -5.29 8.11 -2.22
H38 A1INX C . -6.53 10.00 -3.95
H37 A1INX C . -6.01 8.57 -4.38
H39 A1INX C . -7.71 7.51 -3.23
H40 A1INX C . -8.37 8.62 -4.17
H41 A1INX C . -9.31 8.62 -1.99
H42 A1INX C . -8.71 10.04 -2.39
H43 A1INX C . -7.45 8.14 -0.69
H44 A1INX C . -8.01 9.55 -0.23
H46 A1INX C . -6.30 10.67 -1.41
H45 A1INX C . -5.63 9.62 -0.44
C4 A1INX D . -2.84 -12.40 4.61
C14 A1INX D . 0.81 -11.78 1.27
C5 A1INX D . -2.31 -13.36 3.74
C6 A1INX D . -2.67 -13.37 2.41
C11 A1INX D . 0.86 -15.35 0.86
C7 A1INX D . -3.62 -12.48 1.93
C8 A1INX D . -3.06 -11.99 -0.30
C9 A1INX D . -1.60 -15.51 1.82
C10 A1INX D . -0.58 -15.95 0.79
C12 A1INX D . 1.71 -15.93 -0.28
C13 A1INX D . 1.00 -13.02 1.82
N1 A1INX D . 0.86 -13.88 0.83
N2 A1INX D . 0.54 -11.94 -0.04
C3 A1INX D . -3.79 -11.49 4.15
N3 A1INX D . 0.56 -13.22 -0.30
C1 A1INX D . -5.50 -9.59 2.97
O1 A1INX D . -5.06 -10.68 2.21
C2 A1INX D . -4.14 -11.51 2.78
O2 A1INX D . -4.02 -12.56 0.59
O3 A1INX D . -2.15 -14.23 1.46
C15 A1INX D . 0.84 -10.42 1.86
C16 A1INX D . -0.52 -9.73 1.82
C17 A1INX D . -0.70 -9.02 0.45
C18 A1INX D . -0.59 -8.76 2.97
O4 A1INX D . -0.53 -9.44 4.24
C19 A1INX D . -0.17 -8.70 5.28
O5 A1INX D . 0.06 -7.53 5.23
C20 A1INX D . -0.02 -9.53 6.55
C21 A1INX D . 1.43 -9.51 6.97
C22 A1INX D . 2.32 -10.27 6.08
C23 A1INX D . 1.86 -11.72 5.98
C24 A1INX D . 0.38 -11.79 5.62
N4 A1INX D . -0.50 -10.90 6.33
C25 A1INX D . -1.84 -11.10 6.45
O6 A1INX D . -2.61 -10.18 6.73
C26 A1INX D . -2.43 -12.43 6.08
C27 A1INX D . -3.63 -12.85 6.94
C28 A1INX D . -3.28 -12.99 8.41
C29 A1INX D . -4.39 -13.48 9.29
C30 A1INX D . -5.10 -14.72 8.81
C31 A1INX D . -5.41 -14.55 7.34
C32 A1INX D . -4.22 -14.17 6.49
H5 A1INX D . -1.65 -13.96 4.06
H13 A1INX D . 1.26 -15.64 1.72
H7 A1INX D . -3.43 -11.97 -1.20
H8 A1INX D . -2.25 -12.54 -0.30
H6 A1INX D . -2.84 -11.10 -0.01
H9 A1INX D . -2.32 -16.17 1.88
H10 A1INX D . -1.17 -15.45 2.70
H12 A1INX D . -0.51 -16.93 0.85
H11 A1INX D . -0.95 -15.75 -0.10
H15 A1INX D . 1.28 -15.77 -1.13
H16 A1INX D . 1.82 -16.89 -0.15
H14 A1INX D . 2.58 -15.50 -0.29
H17 A1INX D . 1.18 -13.21 2.73
H4 A1INX D . -4.17 -10.86 4.75
H2 A1INX D . -6.08 -9.03 2.42
H3 A1INX D . -4.74 -9.06 3.26
H1 A1INX D . -5.99 -9.90 3.74
H18 A1INX D . 1.50 -9.87 1.38
H19 A1INX D . 1.14 -10.48 2.79
H20 A1INX D . -1.23 -10.41 1.94
H23 A1INX D . 0.16 -8.70 0.13
H21 A1INX D . -1.30 -8.27 0.56
H22 A1INX D . -1.07 -9.64 -0.19
H25 A1INX D . 0.15 -8.11 2.90
H24 A1INX D . -1.43 -8.25 2.91
H26 A1INX D . -0.57 -9.11 7.27
H28 A1INX D . 1.75 -8.58 7.02
H27 A1INX D . 1.49 -9.89 7.88
H29 A1INX D . 3.25 -10.24 6.43
H30 A1INX D . 2.33 -9.87 5.18
H31 A1INX D . 2.00 -12.18 6.85
H32 A1INX D . 2.38 -12.20 5.30
H33 A1INX D . 0.08 -12.72 5.76
H34 A1INX D . 0.29 -11.61 4.66
H35 A1INX D . -1.72 -13.12 6.17
H36 A1INX D . -4.33 -12.16 6.85
H38 A1INX D . -2.51 -13.61 8.50
H37 A1INX D . -2.98 -12.11 8.74
H39 A1INX D . -5.05 -12.76 9.39
H40 A1INX D . -4.01 -13.67 10.18
H41 A1INX D . -5.93 -14.84 9.31
H42 A1INX D . -4.52 -15.51 8.94
H43 A1INX D . -6.10 -13.85 7.24
H44 A1INX D . -5.79 -15.38 7.01
H46 A1INX D . -3.55 -14.88 6.57
H45 A1INX D . -4.50 -14.11 5.55
#